data_5LIG
#
_entry.id   5LIG
#
loop_
_entity.id
_entity.type
_entity.pdbx_description
1 polymer "DNA (5'-D(*TP*AP*GP*GP*GP*AP*GP*GP*GP*TP*AP*GP*GP*GP*AP*GP*GP*GP*T)-3')"
2 non-polymer 8,12-bis(2-morpholinoethyl)-8H-benzo[ij]xantheno[1,9,8-cdef][2,7]naphthyridin-12-iumhexafluorophosphate
#
_entity_poly.entity_id   1
_entity_poly.type   'polydeoxyribonucleotide'
_entity_poly.pdbx_seq_one_letter_code
;(DT)(DA)(DG)(DG)(DG)(DA)(DG)(DG)(DG)(DT)(DA)(DG)(DG)(DG)(DA)(DG)(DG)(DG)(DT)
;
_entity_poly.pdbx_strand_id   A
#
loop_
_chem_comp.id
_chem_comp.type
_chem_comp.name
_chem_comp.formula
6XM non-polymer 8,12-bis(2-morpholinoethyl)-8H-benzo[ij]xantheno[1,9,8-cdef][2,7]naphthyridin-12-iumhexafluorophosphate 'C31 H34 N4 O3'
DA DNA linking 2'-DEOXYADENOSINE-5'-MONOPHOSPHATE 'C10 H14 N5 O6 P'
DG DNA linking 2'-DEOXYGUANOSINE-5'-MONOPHOSPHATE 'C10 H14 N5 O7 P'
DT DNA linking THYMIDINE-5'-MONOPHOSPHATE 'C10 H15 N2 O8 P'
#
# COMPACT_ATOMS: atom_id res chain seq x y z
C1 6XM B . 5.43 -2.95 1.02
C2 6XM B . 5.75 -2.34 -0.18
CA 6XM B . 5.20 -4.77 -3.64
CB 6XM B . 6.66 -5.04 -3.17
CC1 6XM B . 8.76 -6.23 -3.75
CD1 6XM B . 9.85 -5.15 -3.60
O1 6XM B . 10.00 -4.41 -4.85
CD2 6XM B . 8.77 -3.77 -5.29
CC2 6XM B . 7.66 -4.84 -5.47
N2 6XM B . 7.47 -5.67 -4.24
N1 6XM B . 4.21 -4.72 -2.54
C6 6XM B . 4.51 -4.06 -1.37
C7 6XM B . 4.16 -4.63 -0.16
C3 6XM B . 5.27 -2.89 -1.38
C8 6XM B . 4.63 -4.09 1.03
O 6XM B . 4.34 -4.72 2.24
C8' 6XM B . 3.49 -5.79 2.26
C1' 6XM B . 3.18 -6.39 3.47
C2' 6XM B . 2.30 -7.46 3.53
C3' 6XM B . 1.70 -7.91 2.35
C6' 6XM B . 1.97 -7.31 1.11
C7' 6XM B . 2.91 -6.27 1.08
C11 6XM B . 3.29 -5.70 -0.13
C10 6XM B . 2.74 -6.18 -1.30
C9 6XM B . 3.17 -5.62 -2.52
C4 6XM B . 2.56 -6.03 -3.71
C5 6XM B . 1.58 -7.02 -3.69
C4' 6XM B . 1.20 -7.59 -2.48
C9' 6XM B . 1.76 -7.18 -1.26
N1' 6XM B . 1.32 -7.69 -0.05
CA' 6XM B . 0.03 -8.42 0.02
CB' 6XM B . 0.12 -9.94 -0.31
N2' 6XM B . 0.53 -10.80 0.83
CC2' 6XM B . 0.97 -12.16 0.41
CD2' 6XM B . -0.21 -13.12 0.13
O1' 6XM B . -1.09 -13.17 1.28
CD1' 6XM B . -1.63 -11.88 1.65
CC1' 6XM B . -0.48 -10.88 1.94
H1 6XM B . 5.79 -2.54 1.95
H2 6XM B . 6.38 -1.45 -0.20
HA1 6XM B . 5.16 -3.84 -4.21
HA2 6XM B . 4.95 -5.58 -4.32
HB2 6XM B . 6.62 -5.71 -2.31
HB1 6XM B . 7.13 -4.10 -2.84
HC2 6XM B . 9.12 -6.97 -4.48
HC1 6XM B . 8.61 -6.75 -2.80
HD2 6XM B . 10.80 -5.61 -3.35
HD1 6XM B . 9.57 -4.44 -2.81
HD3 6XM B . 8.46 -3.04 -4.56
HD4 6XM B . 8.96 -3.27 -6.25
HC3 6XM B . 6.73 -4.35 -5.77
HC4 6XM B . 7.96 -5.50 -6.30
H3 6XM B . 5.54 -2.40 -2.32
H1' 6XM B . 3.63 -6.01 4.39
H2' 6XM B . 2.06 -7.94 4.48
H3' 6XM B . 1.03 -8.74 2.42
H4 6XM B . 2.83 -5.58 -4.65
H5 6XM B . 1.11 -7.34 -4.62
H4' 6XM B . 0.44 -8.36 -2.52
HA2' 6XM B . -0.45 -8.27 1.00
HA1' 6XM B . -0.66 -7.95 -0.68
HB1' 6XM B . -0.85 -10.27 -0.68
HB2' 6XM B . 0.83 -10.06 -1.13
HC3' 6XM B . 1.61 -12.08 -0.48
HC4' 6XM B . 1.57 -12.59 1.20
HD3' 6XM B . -0.78 -12.76 -0.74
HD4' 6XM B . 0.17 -14.11 -0.09
HD2' 6XM B . -2.26 -11.99 2.53
HD1' 6XM B . -2.25 -11.50 0.82
HC2' 6XM B . 0.03 -11.23 2.84
HC1' 6XM B . -0.91 -9.91 2.17
C1 6XM C . -6.03 2.67 3.74
C2 6XM C . -6.67 2.43 2.53
CA 6XM C . -6.16 5.25 -0.63
CB 6XM C . -5.99 4.45 -1.93
CC1 6XM C . -8.01 5.47 -3.01
CD1 6XM C . -8.85 4.25 -3.45
O1 6XM C . -8.41 3.80 -4.77
CD2 6XM C . -7.00 3.44 -4.82
CC2 6XM C . -6.15 4.67 -4.41
N2 6XM C . -6.54 5.21 -3.08
N1 6XM C . -5.12 5.01 0.39
C6 6XM C . -5.38 4.20 1.47
C7 6XM C . -4.76 4.44 2.70
C3 6XM C . -6.33 3.17 1.41
C8 6XM C . -5.07 3.68 3.82
O 6XM C . -4.46 3.93 5.02
C8' 6XM C . -3.51 4.93 5.13
C1' 6XM C . -2.92 5.18 6.36
C2' 6XM C . -1.97 6.18 6.47
C3' 6XM C . -1.64 6.95 5.36
C6' 6XM C . -2.25 6.74 4.12
C7' 6XM C . -3.19 5.71 4.02
C11 6XM C . -3.81 5.44 2.81
C10 6XM C . -3.44 6.15 1.69
C9 6XM C . -4.03 5.85 0.45
C4 6XM C . -3.55 6.49 -0.69
C5 6XM C . -2.53 7.44 -0.61
C4' 6XM C . -1.99 7.77 0.63
C9' 6XM C . -2.45 7.15 1.80
N1' 6XM C . -2.03 7.55 3.04
CA' 6XM C . -1.69 8.98 3.26
CB' 6XM C . -0.16 9.26 3.24
N2' 6XM C . 0.14 10.67 3.62
CC2' 6XM C . -0.28 11.69 2.61
CD2' 6XM C . 0.73 11.83 1.44
O1' 6XM C . 2.08 12.03 1.96
CD1' 6XM C . 2.53 10.97 2.85
CC1' 6XM C . 1.55 10.86 4.05
H1 6XM C . -6.28 2.09 4.63
H2 6XM C . -7.42 1.63 2.46
HA1 6XM C . -6.14 6.33 -0.87
HA2 6XM C . -7.15 5.06 -0.20
HB2 6XM C . -6.45 3.47 -1.84
HB1 6XM C . -4.92 4.29 -2.09
HC2 6XM C . -8.24 6.30 -3.69
HC1 6XM C . -8.31 5.78 -2.01
HD2 6XM C . -9.91 4.53 -3.51
HD1 6XM C . -8.73 3.43 -2.74
HD3 6XM C . -6.83 2.61 -4.15
HD4 6XM C . -6.76 3.15 -5.85
HC3 6XM C . -5.09 4.39 -4.41
HC4 6XM C . -6.29 5.45 -5.16
H3 6XM C . -6.84 2.94 0.47
H1' 6XM C . -3.21 4.60 7.22
H2' 6XM C . -1.49 6.37 7.44
H3' 6XM C . -0.92 7.76 5.50
H4 6XM C . -3.98 6.28 -1.68
H5 6XM C . -2.19 7.94 -1.51
H4' 6XM C . -1.21 8.52 0.67
HA2' 6XM C . -2.18 9.59 2.51
HA1' 6XM C . -2.08 9.30 4.23
HB1' 6XM C . 0.31 8.59 3.96
HB2' 6XM C . 0.25 9.04 2.25
HC3' 6XM C . -1.27 11.48 2.22
HC4' 6XM C . -0.33 12.66 3.12
HD3' 6XM C . 0.73 10.91 0.84
HD4' 6XM C . 0.46 12.67 0.82
HD2' 6XM C . 3.53 11.21 3.20
HD1' 6XM C . 2.55 10.03 2.29
HC2' 6XM C . 1.62 11.78 4.62
HC1' 6XM C . 1.87 10.04 4.70
C1 6XM B . 6.34 -2.49 1.67
C2 6XM B . 6.83 -1.75 0.60
CA 6XM B . 6.71 -3.75 -3.19
CB 6XM B . 8.13 -3.92 -2.61
CC1 6XM B . 10.30 -5.08 -2.93
CD1 6XM B . 11.34 -3.93 -2.82
O1 6XM B . 11.55 -3.33 -4.13
CD2 6XM B . 10.33 -2.79 -4.72
CC2 6XM B . 9.27 -3.91 -4.85
N2 6XM B . 9.02 -4.62 -3.56
N1 6XM B . 5.60 -3.81 -2.20
C6 6XM B . 5.78 -3.31 -0.93
C7 6XM B . 5.29 -4.03 0.16
C3 6XM B . 6.52 -2.14 -0.70
C8 6XM B . 5.58 -3.63 1.46
O 6XM B . 5.10 -4.35 2.53
C8' 6XM B . 4.28 -5.43 2.32
C1' 6XM B . 3.76 -6.12 3.42
C2' 6XM B . 2.90 -7.20 3.22
C3' 6XM B . 2.54 -7.55 1.93
C6' 6XM B . 3.05 -6.88 0.80
C7' 6XM B . 3.93 -5.82 1.03
C11 6XM B . 4.47 -5.12 -0.04
C10 6XM B . 4.07 -5.44 -1.33
C9 6XM B . 4.57 -4.69 -2.39
C4 6XM B . 4.05 -4.89 -3.68
C5 6XM B . 3.06 -5.86 -3.90
C4' 6XM B . 2.62 -6.64 -2.83
C9' 6XM B . 3.12 -6.46 -1.53
N1' 6XM B . 2.73 -7.26 -0.48
CA' 6XM B . 2.17 -8.60 -0.75
CB' 6XM B . 0.63 -8.63 -0.78
N2' 6XM B . 0.14 -10.00 -1.11
CC2' 6XM B . -1.27 -10.00 -1.63
CD2' 6XM B . -2.32 -9.94 -0.49
O1' 6XM B . -2.07 -10.99 0.47
CD1' 6XM B . -0.74 -10.94 1.06
CC1' 6XM B . 0.33 -11.02 -0.05
H1 6XM B . 6.56 -2.17 2.69
H2 6XM B . 7.44 -0.86 0.77
HA1 6XM B . 6.64 -2.80 -3.74
HA2 6XM B . 6.56 -4.55 -3.92
HB2 6XM B . 8.06 -4.51 -1.69
HB1 6XM B . 8.54 -2.94 -2.35
HC2 6XM B . 10.73 -5.87 -3.55
HC1 6XM B . 10.10 -5.49 -1.94
HD2 6XM B . 12.30 -4.34 -2.46
HD1 6XM B . 10.99 -3.17 -2.13
HD3 6XM B . 9.96 -2.00 -4.08
HD4 6XM B . 10.57 -2.39 -5.71
HC3 6XM B . 8.34 -3.50 -5.25
HC4 6XM B . 9.64 -4.64 -5.58
H3 6XM B . 6.88 -1.56 -1.54
H1' 6XM B . 4.03 -5.81 4.43
H2' 6XM B . 2.49 -7.73 4.08
H3' 6XM B . 1.83 -8.37 1.82
H4 6XM B . 4.38 -4.29 -4.52
H5 6XM B . 2.66 -6.01 -4.89
H4' 6XM B . 1.87 -7.40 -3.03
HA2' 6XM B . 2.56 -8.98 -1.69
HA1' 6XM B . 2.54 -9.30 0.01
HB1' 6XM B . 0.21 -8.29 0.17
HB2' 6XM B . 0.29 -7.93 -1.54
HC3' 6XM B . -1.43 -9.18 -2.33
HC4' 6XM B . -1.43 -10.93 -2.18
HD3' 6XM B . -2.25 -8.96 0.02
HD4' 6XM B . -3.32 -10.06 -0.91
HD2' 6XM B . -0.63 -11.77 1.76
HD1' 6XM B . -0.64 -10.00 1.61
HC2' 6XM B . 0.25 -12.02 -0.51
HC1' 6XM B . 1.32 -10.95 0.40
C1 6XM C . -5.52 2.62 4.44
C2 6XM C . -6.24 2.17 3.33
CA 6XM C . -6.45 4.83 0.02
CB 6XM C . -6.57 3.87 -1.19
CC1 6XM C . -9.02 4.43 -1.52
CD1 6XM C . -9.75 3.07 -1.39
O1 6XM C . -9.74 2.37 -2.67
CD2 6XM C . -8.41 2.14 -3.19
CC2 6XM C . -7.69 3.50 -3.37
N2 6XM C . -7.65 4.29 -2.11
N1 6XM C . -5.21 4.66 0.81
C6 6XM C . -5.26 3.94 1.97
C7 6XM C . -4.54 4.36 3.09
C3 6XM C . -6.11 2.83 2.12
C8 6XM C . -4.66 3.70 4.32
O 6XM C . -3.95 4.15 5.40
C8' 6XM C . -3.10 5.22 5.30
C1' 6XM C . -2.38 5.63 6.41
C2' 6XM C . -1.50 6.71 6.31
C3' 6XM C . -1.37 7.38 5.09
C6' 6XM C . -2.10 6.98 3.97
C7' 6XM C . -2.97 5.89 4.09
C11 6XM C . -3.68 5.45 2.99
C10 6XM C . -3.49 6.06 1.76
C9 6XM C . -4.19 5.57 0.65
C4 6XM C . -3.90 6.11 -0.61
C5 6XM C . -2.94 7.11 -0.75
C4' 6XM C . -2.30 7.62 0.38
C9' 6XM C . -2.58 7.11 1.65
N1' 6XM C . -2.05 7.68 2.78
CA' 6XM C . -1.72 9.13 2.81
CB' 6XM C . -0.22 9.41 2.61
N2' 6XM C . 0.16 10.75 3.10
CC2' 6XM C . -0.46 11.89 2.36
CD2' 6XM C . 0.30 12.21 1.05
O1' 6XM C . 1.71 12.38 1.30
CD1' 6XM C . 2.34 11.23 1.93
CC1' 6XM C . 1.63 10.92 3.28
H1 6XM C . -5.62 2.14 5.40
H2 6XM C . -6.91 1.32 3.44
HA1 6XM C . -6.49 5.86 -0.36
HA2 6XM C . -7.31 4.71 0.69
HB2 6XM C . -6.76 2.84 -0.84
HB1 6XM C . -5.63 3.85 -1.72
HC2 6XM C . -9.62 5.05 -2.20
HC1 6XM C . -9.00 4.94 -0.56
HD2 6XM C . -10.78 3.23 -1.08
HD1 6XM C . -9.24 2.45 -0.64
HD3 6XM C . -7.85 1.52 -2.48
HD4 6XM C . -8.48 1.63 -4.15
HC3 6XM C . -6.67 3.32 -3.73
HC4 6XM C . -8.22 4.07 -4.14
H3 6XM C . -6.69 2.46 1.28
H1' 6XM C . -2.51 5.11 7.35
H2' 6XM C . -0.93 7.03 7.19
H3' 6XM C . -0.69 8.23 5.06
H4 6XM C . -4.42 5.75 -1.50
H5 6XM C . -2.72 7.53 -1.73
H4' 6XM C . -1.58 8.42 0.24
HA2' 6XM C . -2.30 9.65 2.04
HA1' 6XM C . -2.04 9.54 3.77
HB1' 6XM C . 0.35 8.66 3.18
HB2' 6XM C . 0.05 9.29 1.56
HC3' 6XM C . -1.51 11.71 2.16
HC4' 6XM C . -0.40 12.78 3.01
HD3' 6XM C . 0.15 11.39 0.33
HD4' 6XM C . -0.10 13.13 0.61
HD2' 6XM C . 3.39 11.44 2.10
HD1' 6XM C . 2.25 10.37 1.26
HC2' 6XM C . 1.81 11.77 3.94
HC1' 6XM C . 2.07 10.03 3.72
C1 6XM B . 5.89 -2.69 1.11
C2 6XM B . 6.31 -2.08 -0.07
CA 6XM B . 5.90 -4.47 -3.60
CB 6XM B . 7.36 -4.62 -3.08
CC1 6XM B . 9.50 -5.84 -3.44
CD1 6XM B . 10.55 -4.71 -3.47
O1 6XM B . 10.69 -4.20 -4.84
CD2 6XM B . 9.45 -3.69 -5.39
CC2 6XM B . 8.37 -4.80 -5.38
N2 6XM B . 8.19 -5.41 -4.03
N1 6XM B . 4.87 -4.40 -2.54
C6 6XM B . 5.13 -3.77 -1.35
C7 6XM B . 4.70 -4.36 -0.16
C3 6XM B . 5.90 -2.61 -1.30
C8 6XM B . 5.09 -3.82 1.07
O 6XM B . 4.69 -4.43 2.24
C8' 6XM B . 3.81 -5.49 2.20
C1' 6XM B . 3.36 -6.07 3.39
C2' 6XM B . 2.43 -7.09 3.37
C3' 6XM B . 1.96 -7.56 2.14
C6' 6XM B . 2.42 -7.03 0.93
C7' 6XM B . 3.36 -6.00 0.98
C11 6XM B . 3.84 -5.44 -0.20
C10 6XM B . 3.34 -5.87 -1.41
C9 6XM B . 3.80 -5.26 -2.59
C4 6XM B . 3.21 -5.60 -3.81
C5 6XM B . 2.17 -6.53 -3.85
C4' 6XM B . 1.75 -7.16 -2.68
C9' 6XM B . 2.34 -6.86 -1.44
N1' 6XM B . 1.98 -7.52 -0.28
CA' 6XM B . 1.35 -8.85 -0.37
CB' 6XM B . -0.19 -8.79 -0.25
N2' 6XM B . -0.75 -10.13 0.07
CC2' 6XM B . -0.56 -11.17 -0.98
CD2' 6XM B . -1.61 -11.05 -2.13
O1' 6XM B . -2.96 -11.03 -1.57
CD1' 6XM B . -3.17 -9.95 -0.62
CC1' 6XM B . -2.16 -10.08 0.55
H1 6XM B . 6.19 -2.27 2.06
H2 6XM B . 6.95 -1.20 -0.05
HA1 6XM B . 5.83 -3.58 -4.23
HA2 6XM B . 5.71 -5.35 -4.23
HB2 6XM B . 7.34 -5.15 -2.13
HB1 6XM B . 7.81 -3.64 -2.92
HC2 6XM B . 9.89 -6.68 -4.02
HC1 6XM B . 9.36 -6.18 -2.41
HD2 6XM B . 11.52 -5.10 -3.15
HD1 6XM B . 10.25 -3.89 -2.83
HD3 6XM B . 9.12 -2.85 -4.79
HD4 6XM B . 9.63 -3.35 -6.42
HC3 6XM B . 7.42 -4.39 -5.76
HC4 6XM B . 8.69 -5.59 -6.07
H3 6XM B . 6.21 -2.12 -2.22
H1' 6XM B . 3.71 -5.67 4.33
H2' 6XM B . 2.07 -7.54 4.30
H3' 6XM B . 1.21 -8.35 2.17
H4 6XM B . 3.54 -5.14 -4.73
H5 6XM B . 1.70 -6.78 -4.80
H4' 6XM B . 0.95 -7.87 -2.75
HA2' 6XM B . 1.63 -9.34 -1.29
HA1' 6XM B . 1.73 -9.48 0.43
HB1' 6XM B . -0.45 -8.10 0.56
HB2' 6XM B . -0.63 -8.39 -1.17
HC3' 6XM B . 0.44 -11.13 -1.40
HC4' 6XM B . -0.70 -12.16 -0.53
HD3' 6XM B . -1.45 -10.13 -2.69
HD4' 6XM B . -1.52 -11.91 -2.81
HD2' 6XM B . -4.20 -10.02 -0.24
HD1' 6XM B . -3.04 -8.99 -1.14
HC2' 6XM B . -2.39 -11.00 1.09
HC1' 6XM B . -2.29 -9.24 1.23
C1 6XM C . -5.93 2.69 4.14
C2 6XM C . -6.71 2.37 3.04
CA 6XM C . -6.56 5.07 -0.26
CB 6XM C . -6.74 4.12 -1.47
CC1 6XM C . -9.07 5.02 -1.90
CD1 6XM C . -9.99 3.81 -1.67
O1 6XM C . -10.09 3.00 -2.88
CD2 6XM C . -8.80 2.54 -3.37
CC2 6XM C . -7.88 3.76 -3.65
N2 6XM C . -7.73 4.63 -2.45
N1 6XM C . -5.38 4.77 0.57
C6 6XM C . -5.52 4.04 1.73
C7 6XM C . -4.76 4.34 2.84
C3 6XM C . -6.49 3.03 1.83
C8 6XM C . -4.96 3.67 4.05
O 6XM C . -4.20 3.99 5.16
C8' 6XM C . -3.23 4.97 5.07
C1' 6XM C . -2.48 5.27 6.19
C2' 6XM C . -1.51 6.27 6.13
C3' 6XM C . -1.31 6.96 4.95
C6' 6XM C . -2.07 6.68 3.80
C7' 6XM C . -3.03 5.66 3.89
C11 6XM C . -3.79 5.34 2.78
C10 6XM C . -3.53 5.95 1.57
C9 6XM C . -4.26 5.57 0.44
C4 6XM C . -3.89 6.08 -0.81
C5 6XM C . -2.85 7.01 -0.91
C4' 6XM C . -2.18 7.42 0.24
C9' 6XM C . -2.52 6.92 1.49
N1' 6XM C . -1.94 7.41 2.64
CA' 6XM C . -1.49 8.81 2.71
CB' 6XM C . 0.04 8.95 2.53
N2' 6XM C . 0.53 10.27 2.99
CC2' 6XM C . 0.08 11.44 2.18
CD2' 6XM C . 0.92 11.62 0.89
O1' 6XM C . 2.32 11.66 1.21
CD1' 6XM C . 2.80 10.48 1.90
CC1' 6XM C . 2.01 10.30 3.22
H1 6XM C . -6.09 2.20 5.10
H2 6XM C . -7.48 1.60 3.12
HA1 6XM C . -6.49 6.09 -0.63
HA2 6XM C . -7.45 5.02 0.37
HB2 6XM C . -7.02 3.12 -1.12
HB1 6XM C . -5.77 4.01 -1.98
HC2 6XM C . -9.54 5.67 -2.65
HC1 6XM C . -8.97 5.61 -0.99
HD2 6XM C . -10.99 4.14 -1.40
HD1 6XM C . -9.59 3.18 -0.86
HD3 6XM C . -8.34 1.88 -2.62
HD4 6XM C . -8.97 1.98 -4.29
HC3 6XM C . -6.90 3.43 -3.98
HC4 6XM C . -8.32 4.34 -4.46
H3 6XM C . -7.12 2.76 0.99
H1' 6XM C . -2.66 4.74 7.12
H2' 6XM C . -0.91 6.51 7.03
H3' 6XM C . -0.56 7.75 4.94
H4 6XM C . -4.42 5.80 -1.72
H5 6XM C . -2.58 7.41 -1.89
H4' 6XM C . -1.38 8.15 0.12
HA2' 6XM C . -2.01 9.41 1.95
HA1' 6XM C . -1.76 9.23 3.68
HB1' 6XM C . 0.53 8.18 3.12
HB2' 6XM C . 0.32 8.79 1.48
HC3' 6XM C . -0.99 11.35 1.92
HC4' 6XM C . 0.19 12.34 2.78
HD3' 6XM C . 0.73 10.79 0.20
HD4' 6XM C . 0.63 12.55 0.39
HD2' 6XM C . 3.86 10.59 2.13
HD1' 6XM C . 2.66 9.60 1.26
HC2' 6XM C . 2.24 11.15 3.87
HC1' 6XM C . 2.33 9.38 3.72
C1 6XM B . 5.56 -2.68 2.17
C2 6XM B . 6.11 -2.06 1.06
CA 6XM B . 4.70 -3.14 -2.80
CB 6XM B . 6.01 -3.43 -3.58
CC1 6XM B . 6.57 -1.03 -4.06
CD1 6XM B . 6.74 -0.98 -5.59
O1 6XM B . 8.10 -1.34 -5.96
CD2 6XM B . 8.48 -2.65 -5.49
CC2 6XM B . 8.36 -2.71 -3.95
N2 6XM B . 7.00 -2.33 -3.47
N1 6XM B . 4.51 -4.04 -1.64
C6 6XM B . 4.90 -3.62 -0.39
C7 6XM B . 4.44 -4.27 0.75
C3 6XM B . 5.77 -2.53 -0.21
C8 6XM B . 4.75 -3.80 2.02
O 6XM B . 4.30 -4.45 3.16
C8' 6XM B . 3.55 -5.59 3.03
C1' 6XM B . 3.10 -6.24 4.17
C2' 6XM B . 2.33 -7.38 4.08
C3' 6XM B . 2.01 -7.88 2.82
C6' 6XM B . 2.47 -7.26 1.64
C7' 6XM B . 3.23 -6.09 1.77
C11 6XM B . 3.67 -5.42 0.63
C10 6XM B . 3.34 -5.90 -0.62
C9 6XM B . 3.79 -5.21 -1.76
C4 6XM B . 3.47 -5.74 -3.02
C5 6XM B . 2.68 -6.87 -3.15
C4' 6XM B . 2.22 -7.52 -2.00
C9' 6XM B . 2.58 -7.07 -0.73
N1' 6XM B . 2.24 -7.81 0.40
CA' 6XM B . 1.89 -9.23 0.28
CB' 6XM B . 0.37 -9.48 0.28
N2' 6XM B . 0.04 -10.87 0.65
CC2' 6XM B . 0.50 -11.92 -0.31
CD2' 6XM B . -0.45 -12.06 -1.52
O1' 6XM B . -1.82 -12.26 -1.08
CD1' 6XM B . -2.31 -11.19 -0.22
CC1' 6XM B . -1.40 -11.06 1.01
H1 6XM B . 5.77 -2.30 3.16
H2 6XM B . 6.78 -1.22 1.17
HA1 6XM B . 4.66 -2.11 -2.47
HA2 6XM B . 3.86 -3.25 -3.50
HB2 6XM B . 5.77 -3.62 -4.63
HB1 6XM B . 6.44 -4.35 -3.18
HC2 6XM B . 7.19 -0.23 -3.63
HC1 6XM B . 5.52 -0.80 -3.81
HD2 6XM B . 6.54 0.03 -5.96
HD1 6XM B . 6.04 -1.67 -6.07
HD3 6XM B . 7.83 -3.40 -5.95
HD4 6XM B . 9.51 -2.86 -5.79
HC3 6XM B . 8.61 -3.72 -3.61
HC4 6XM B . 9.09 -2.03 -3.52
H3 6XM B . 6.23 -2.04 -1.06
H1' 6XM B . 3.34 -5.83 5.15
H2' 6XM B . 1.96 -7.88 4.97
H3' 6XM B . 1.39 -8.77 2.77
H4 6XM B . 3.84 -5.28 -3.94
H5 6XM B . 2.42 -7.24 -4.13
H4' 6XM B . 1.60 -8.40 -2.15
HA2' 6XM B . 2.34 -9.68 -0.61
HA1' 6XM B . 2.34 -9.78 1.12
HB1' 6XM B . -0.09 -8.81 1.01
HB2' 6XM B . -0.05 -9.22 -0.70
HC3' 6XM B . 1.52 -11.71 -0.66
HC4' 6XM B . 0.53 -12.88 0.20
HD3' 6XM B . -0.40 -11.16 -2.14
HD4' 6XM B . -0.14 -12.92 -2.13
HD2' 6XM B . -3.33 -11.43 0.08
HD1' 6XM B . -2.31 -10.25 -0.80
HC2' 6XM B . -1.50 -11.98 1.61
HC1' 6XM B . -1.74 -10.23 1.64
C1 6XM C . -5.92 2.64 3.70
C2 6XM C . -6.57 2.36 2.50
CA 6XM C . -6.36 5.30 -0.60
CB 6XM C . -6.12 4.52 -1.92
CC1 6XM C . -8.27 5.27 -2.98
CD1 6XM C . -8.93 3.95 -3.46
O1 6XM C . -8.43 3.59 -4.77
CD2 6XM C . -6.98 3.44 -4.82
CC2 6XM C . -6.31 4.76 -4.39
N2 6XM C . -6.79 5.22 -3.05
N1 6XM C . -5.29 5.13 0.40
C6 6XM C . -5.46 4.27 1.46
C7 6XM C . -4.82 4.53 2.68
C3 6XM C . -6.33 3.17 1.38
C8 6XM C . -5.05 3.71 3.79
O 6XM C . -4.44 4.00 4.99
C8' 6XM C . -3.57 5.05 5.09
C1' 6XM C . -2.96 5.31 6.31
C2' 6XM C . -2.06 6.36 6.43
C3' 6XM C . -1.79 7.16 5.32
C6' 6XM C . -2.41 6.93 4.09
C7' 6XM C . -3.30 5.86 3.98
C11 6XM C . -3.94 5.59 2.79
C10 6XM C . -3.64 6.34 1.67
C9 6XM C . -4.26 6.04 0.45
C4 6XM C . -3.86 6.74 -0.69
C5 6XM C . -2.89 7.73 -0.62
C4' 6XM C . -2.32 8.06 0.61
C9' 6XM C . -2.70 7.39 1.78
N1' 6XM C . -2.23 7.77 3.02
CA' 6XM C . -1.82 9.17 3.24
CB' 6XM C . -0.29 9.37 3.18
N2' 6XM C . 0.12 10.67 3.76
CC2' 6XM C . -0.33 11.88 3.00
CD2' 6XM C . 0.58 12.17 1.78
O1' 6XM C . 1.97 12.24 2.18
CD1' 6XM C . 2.44 11.03 2.83
CC1' 6XM C . 1.57 10.74 4.08
H1 6XM C . -6.09 2.01 4.57
H2 6XM C . -7.25 1.52 2.42
HA1 6XM C . -6.44 6.37 -0.83
HA2 6XM C . -7.32 5.02 -0.18
HB2 6XM C . -6.47 3.49 -1.83
HB1 6XM C . -5.05 4.49 -2.10
HC2 6XM C . -8.62 6.07 -3.64
HC1 6XM C . -8.61 5.50 -1.97
HD2 6XM C . -10.02 4.07 -3.51
HD1 6XM C . -8.69 3.15 -2.75
HD3 6XM C . -6.69 2.64 -4.14
HD4 6XM C . -6.69 3.19 -5.84
HC3 6XM C . -5.23 4.64 -4.38
HC4 6XM C . -6.56 5.53 -5.12
H3 6XM C . -6.84 2.93 0.46
H1' 6XM C . -3.20 4.70 7.17
H2' 6XM C . -1.58 6.57 7.38
H3' 6XM C . -1.10 7.99 5.46
H4 6XM C . -4.32 6.53 -1.66
H5 6XM C . -2.59 8.28 -1.51
H4' 6XM C . -1.56 8.84 0.63
HA2' 6XM C . -2.31 9.83 2.51
HA1' 6XM C . -2.18 9.51 4.23
HB1' 6XM C . 0.18 8.56 3.77
HB2' 6XM C . 0.07 9.28 2.15
HC3' 6XM C . -1.37 11.77 2.67
HC4' 6XM C . -0.28 12.73 3.67
HD3' 6XM C . 0.47 11.38 1.03
HD4' 6XM C . 0.28 13.13 1.33
HD2' 6XM C . 3.48 11.17 3.12
HD1' 6XM C . 2.37 10.20 2.13
HC2' 6XM C . 1.74 11.55 4.80
HC1' 6XM C . 1.90 9.81 4.55
C1 6XM B . 5.37 -3.05 1.20
C2 6XM B . 5.54 -2.45 -0.05
CA 6XM B . 4.85 -4.97 -3.45
CB 6XM B . 6.38 -4.91 -3.19
CC1 6XM B . 8.56 -5.91 -3.78
CD1 6XM B . 9.44 -4.69 -4.18
O1 6XM B . 9.26 -4.40 -5.59
CD2 6XM B . 7.89 -4.12 -5.96
CC2 6XM B . 6.98 -5.33 -5.58
N2 6XM B . 7.14 -5.73 -4.15
N1 6XM B . 4.00 -4.98 -2.23
C6 6XM B . 4.37 -4.29 -1.10
C7 6XM B . 4.18 -4.87 0.15
C3 6XM B . 5.01 -3.06 -1.18
C8 6XM B . 4.68 -4.25 1.30
O 6XM B . 4.48 -4.85 2.53
C8' 6XM B . 3.70 -5.98 2.65
C1' 6XM B . 3.39 -6.47 3.90
C2' 6XM B . 2.57 -7.58 4.04
C3' 6XM B . 2.03 -8.18 2.90
C6' 6XM B . 2.32 -7.69 1.61
C7' 6XM B . 3.16 -6.58 1.51
C11 6XM B . 3.43 -6.04 0.27
C10 6XM B . 2.82 -6.56 -0.87
C9 6XM B . 3.04 -5.95 -2.10
C4 6XM B . 2.30 -6.37 -3.21
C5 6XM B . 1.36 -7.40 -3.07
C4' 6XM B . 1.19 -8.03 -1.85
C9' 6XM B . 1.93 -7.63 -0.72
N1' 6XM B . 1.82 -8.30 0.49
CA' 6XM B . 1.44 -9.72 0.51
CB' 6XM B . -0.06 -9.97 0.79
N2' 6XM B . -0.32 -11.39 1.12
CC2' 6XM B . 0.00 -12.38 0.05
CD2' 6XM B . -1.13 -12.47 -1.02
O1' 6XM B . -2.41 -12.71 -0.39
CD1' 6XM B . -2.77 -11.68 0.58
CC1' 6XM B . -1.69 -11.61 1.69
H1 6XM B . 5.76 -2.58 2.09
H2 6XM B . 6.09 -1.52 -0.13
HA1 6XM B . 4.56 -4.14 -4.09
HA2 6XM B . 4.66 -5.89 -4.00
HB2 6XM B . 6.58 -5.28 -2.18
HB1 6XM B . 6.72 -3.87 -3.23
HC2 6XM B . 8.96 -6.79 -4.30
HC1 6XM B . 8.66 -6.10 -2.71
HD2 6XM B . 10.49 -4.91 -3.99
HD1 6XM B . 9.14 -3.81 -3.59
HD3 6XM B . 7.55 -3.23 -5.43
HD4 6XM B . 7.84 -3.94 -7.04
HC3 6XM B . 5.95 -5.10 -5.82
HC4 6XM B . 7.29 -6.18 -6.21
H3 6XM B . 5.15 -2.57 -2.15
H1' 6XM B . 3.79 -5.98 4.78
H2' 6XM B . 2.32 -7.97 5.03
H3' 6XM B . 1.37 -9.03 3.03
H4 6XM B . 2.42 -5.90 -4.17
H5 6XM B . 0.78 -7.72 -3.94
H4' 6XM B . 0.48 -8.84 -1.78
HA2' 6XM B . 1.72 -10.19 -0.44
HA1' 6XM B . 2.01 -10.23 1.29
HB1' 6XM B . -0.36 -9.35 1.64
HB2' 6XM B . -0.66 -9.66 -0.07
HC3' 6XM B . 0.95 -12.16 -0.43
HC4' 6XM B . 0.09 -13.37 0.50
HD3' 6XM B . -1.18 -11.54 -1.59
HD4' 6XM B . -0.92 -13.29 -1.71
HD2' 6XM B . -3.73 -11.94 1.03
HD1' 6XM B . -2.85 -10.72 0.07
HC2' 6XM B . -1.69 -12.57 2.22
HC1' 6XM B . -1.93 -10.83 2.40
C1 6XM C . -5.71 2.73 4.17
C2 6XM C . -6.50 2.35 3.11
CA 6XM C . -6.57 4.81 -0.35
CB 6XM C . -6.56 3.82 -1.53
CC1 6XM C . -8.96 4.46 -2.07
CD1 6XM C . -9.77 3.17 -1.75
O1 6XM C . -9.75 2.27 -2.90
CD2 6XM C . -8.41 1.91 -3.33
CC2 6XM C . -7.61 3.19 -3.69
N2 6XM C . -7.58 4.16 -2.56
N1 6XM C . -5.38 4.72 0.51
C6 6XM C . -5.42 4.01 1.69
C7 6XM C . -4.62 4.37 2.77
C3 6XM C . -6.36 2.98 1.87
C8 6XM C . -4.76 3.74 3.99
O 6XM C . -4.01 4.14 5.07
C8' 6XM C . -3.12 5.19 4.94
C1' 6XM C . -2.45 5.63 6.08
C2' 6XM C . -1.59 6.71 5.98
C3' 6XM C . -1.40 7.33 4.75
C6' 6XM C . -2.04 6.87 3.60
C7' 6XM C . -2.93 5.81 3.72
C11 6XM C . -3.69 5.40 2.64
C10 6XM C . -3.55 6.03 1.41
C9 6XM C . -4.35 5.63 0.33
C4 6XM C . -4.15 6.24 -0.91
C5 6XM C . -3.25 7.29 -1.05
C4' 6XM C . -2.50 7.71 0.04
C9' 6XM C . -2.61 7.08 1.28
N1' 6XM C . -1.82 7.46 2.35
CA' 6XM C . -0.70 8.40 2.17
CB' 6XM C . -1.12 9.87 2.38
N2' 6XM C . 0.06 10.76 2.43
CC2' 6XM C . -0.26 12.12 2.96
CD2' 6XM C . -0.89 13.04 1.87
O1' 6XM C . -0.01 13.09 0.72
CD1' 6XM C . 0.25 11.79 0.13
CC1' 6XM C . 0.88 10.85 1.18
H1 6XM C . -5.82 2.27 5.14
H2 6XM C . -7.26 1.56 3.24
HA1 6XM C . -6.65 5.83 -0.75
HA2 6XM C . -7.46 4.66 0.26
HB2 6XM C . -6.71 2.80 -1.17
HB1 6XM C . -5.57 3.84 -2.02
HC2 6XM C . -9.49 4.99 -2.87
HC1 6XM C . -8.95 5.12 -1.21
HD2 6XM C . -10.80 3.44 -1.51
HD1 6XM C . -9.32 2.66 -0.90
HD3 6XM C . -7.92 1.37 -2.52
HD4 6XM C . -8.50 1.26 -4.19
HC3 6XM C . -6.59 2.93 -3.97
HC4 6XM C . -8.09 3.66 -4.55
H3 6XM C . -7.01 2.65 1.06
H1' 6XM C . -2.63 5.15 7.04
H2' 6XM C . -1.07 7.08 6.88
H3' 6XM C . -0.73 8.19 4.73
H4 6XM C . -4.72 5.93 -1.79
H5 6XM C . -3.14 7.78 -2.02
H4' 6XM C . -1.83 8.55 -0.13
HA2' 6XM C . 0.11 8.16 2.86
HA1' 6XM C . -0.28 8.26 1.18
HB1' 6XM C . -1.81 10.19 1.59
HB2' 6XM C . -1.66 9.93 3.33
HC3' 6XM C . -0.94 12.05 3.81
HC4' 6XM C . 0.66 12.59 3.31
HD3' 6XM C . -1.86 12.65 1.57
HD4' 6XM C . -1.01 14.06 2.28
HD2' 6XM C . 0.93 11.91 -0.72
HD1' 6XM C . -0.69 11.36 -0.23
HC2' 6XM C . 1.86 11.24 1.45
HC1' 6XM C . 1.03 9.86 0.75
C1 6XM B . 5.91 -3.09 2.26
C2 6XM B . 6.50 -2.46 1.18
CA 6XM B . 4.88 -3.09 -2.69
CB 6XM B . 6.23 -3.28 -3.41
CC1 6XM B . 6.03 -1.15 -4.71
CD1 6XM B . 6.24 -1.57 -6.18
O1 6XM B . 7.66 -1.62 -6.50
CD2 6XM B . 8.42 -2.49 -5.63
CC2 6XM B . 8.25 -2.06 -4.16
N2 6XM B . 6.82 -1.97 -3.75
N1 6XM B . 4.67 -4.07 -1.60
C6 6XM B . 5.11 -3.77 -0.33
C7 6XM B . 4.56 -4.42 0.78
C3 6XM B . 6.10 -2.80 -0.10
C8 6XM B . 4.96 -4.08 2.06
O 6XM B . 4.46 -4.76 3.15
C8' 6XM B . 3.58 -5.81 2.96
C1' 6XM B . 3.13 -6.53 4.06
C2' 6XM B . 2.26 -7.60 3.89
C3' 6XM B . 1.83 -7.92 2.61
C6' 6XM B . 2.25 -7.20 1.49
C7' 6XM B . 3.15 -6.15 1.68
C11 6XM B . 3.64 -5.44 0.59
C10 6XM B . 3.30 -5.83 -0.69
C9 6XM B . 3.88 -5.18 -1.78
C4 6XM B . 3.63 -5.67 -3.07
C5 6XM B . 2.80 -6.78 -3.26
C4' 6XM B . 2.21 -7.39 -2.17
C9' 6XM B . 2.43 -6.92 -0.87
N1' 6XM B . 1.81 -7.51 0.22
CA' 6XM B . 0.56 -8.28 0.04
CB' 6XM B . 0.83 -9.81 -0.07
N2' 6XM B . -0.43 -10.58 -0.26
CC2' 6XM B . -1.39 -10.53 0.88
CD2' 6XM B . -1.02 -11.52 2.01
O1' 6XM B . -0.82 -12.86 1.48
CD1' 6XM B . 0.19 -12.92 0.43
CC1' 6XM B . -0.20 -11.97 -0.73
H1 6XM B . 6.19 -2.83 3.27
H2 6XM B . 7.27 -1.70 1.35
HA1 6XM B . 4.85 -2.09 -2.26
HA2 6XM B . 4.07 -3.14 -3.42
HB2 6XM B . 6.09 -3.89 -4.31
HB1 6XM B . 6.92 -3.82 -2.74
HC2 6XM B . 6.35 -0.10 -4.62
HC1 6XM B . 4.97 -1.19 -4.47
HD2 6XM B . 5.75 -0.86 -6.85
HD1 6XM B . 5.81 -2.57 -6.35
HD3 6XM B . 8.06 -3.52 -5.75
HD4 6XM B . 9.48 -2.45 -5.91
HC3 6XM B . 8.80 -2.74 -3.50
HC4 6XM B . 8.71 -1.06 -4.04
H3 6XM B . 6.59 -2.29 -0.93
H1' 6XM B . 3.47 -6.25 5.05
H2' 6XM B . 1.92 -8.16 4.76
H3' 6XM B . 1.15 -8.77 2.52
H4 6XM B . 4.08 -5.22 -3.95
H5 6XM B . 2.62 -7.16 -4.27
H4' 6XM B . 1.57 -8.24 -2.36
HA2' 6XM B . -0.10 -8.07 0.88
HA1' 6XM B . 0.03 -7.95 -0.85
HB1' 6XM B . 1.48 -9.97 -0.93
HB2' 6XM B . 1.36 -10.16 0.82
HC3' 6XM B . -1.50 -9.53 1.29
HC4' 6XM B . -2.38 -10.83 0.50
HD3' 6XM B . -0.09 -11.19 2.49
HD4' 6XM B . -1.81 -11.55 2.76
HD2' 6XM B . 0.26 -13.94 0.07
HD1' 6XM B . 1.16 -12.63 0.86
HC2' 6XM B . -1.13 -12.35 -1.18
HC1' 6XM B . 0.58 -12.00 -1.50
C1 6XM C . -5.46 2.96 5.14
C2 6XM C . -6.27 2.40 4.16
CA 6XM C . -6.63 4.54 0.50
CB 6XM C . -6.79 3.42 -0.55
CC1 6XM C . -9.19 4.10 -1.00
CD1 6XM C . -10.02 2.86 -0.61
O1 6XM C . -10.08 1.93 -1.72
CD2 6XM C . -8.77 1.51 -2.20
CC2 6XM C . -7.96 2.74 -2.63
N2 6XM C . -7.84 3.75 -1.54
N1 6XM C . -5.36 4.49 1.26
C6 6XM C . -5.34 3.92 2.51
C7 6XM C . -4.51 4.45 3.50
C3 6XM C . -6.21 2.87 2.86
C8 6XM C . -4.56 3.96 4.80
O 6XM C . -3.72 4.46 5.76
C8' 6XM C . -2.84 5.48 5.45
C1' 6XM C . -1.99 5.96 6.44
C2' 6XM C . -1.09 6.97 6.14
C3' 6XM C . -1.04 7.50 4.84
C6' 6XM C . -1.90 7.02 3.84
C7' 6XM C . -2.79 6.00 4.16
C11 6XM C . -3.62 5.48 3.19
C10 6XM C . -3.52 5.92 1.89
C9 6XM C . -4.33 5.34 0.90
C4 6XM C . -4.15 5.72 -0.43
C5 6XM C . -3.19 6.67 -0.77
C4' 6XM C . -2.41 7.26 0.23
C9' 6XM C . -2.59 6.91 1.57
N1' 6XM C . -1.91 7.57 2.58
CA' 6XM C . -1.45 8.97 2.38
CB' 6XM C . 0.05 9.06 2.04
N2' 6XM C . 0.58 10.42 2.27
CC2' 6XM C . 0.06 11.47 1.35
CD2' 6XM C . 0.79 11.46 -0.01
O1' 6XM C . 2.23 11.53 0.17
CD1' 6XM C . 2.74 10.44 0.98
CC1' 6XM C . 2.07 10.46 2.37
H1 6XM C . -5.51 2.61 6.17
H2 6XM C . -6.97 1.59 4.42
HA1 6XM C . -6.71 5.51 -0.01
HA2 6XM C . -7.46 4.51 1.20
HB2 6XM C . -7.01 2.47 -0.07
HB1 6XM C . -5.84 3.29 -1.09
HC2 6XM C . -9.74 4.64 -1.78
HC1 6XM C . -9.11 4.79 -0.15
HD2 6XM C . -11.03 3.16 -0.33
HD1 6XM C . -9.55 2.35 0.24
HD3 6XM C . -8.26 0.98 -1.39
HD4 6XM C . -8.90 0.83 -3.05
HC3 6XM C . -6.96 2.42 -2.96
HC4 6XM C . -8.46 3.20 -3.48
H3 6XM C . -6.88 2.43 2.12
H1' 6XM C . -2.04 5.55 7.44
H2' 6XM C . -0.42 7.36 6.92
H3' 6XM C . -0.33 8.30 4.65
H4 6XM C . -4.76 5.30 -1.23
H5 6XM C . -3.06 6.98 -1.81
H4' 6XM C . -1.67 8.01 -0.07
HA2' 6XM C . -2.05 9.45 1.61
HA1' 6XM C . -1.64 9.53 3.30
HB1' 6XM C . 0.58 8.36 2.67
HB2' 6XM C . 0.22 8.76 1.00
HC3' 6XM C . -1.02 11.37 1.21
HC4' 6XM C . 0.23 12.45 1.82
HD3' 6XM C . 0.54 10.56 -0.57
HD4' 6XM C . 0.47 12.34 -0.61
HD2' 6XM C . 3.83 10.57 1.10
HD1' 6XM C . 2.54 9.49 0.47
HC2' 6XM C . 2.37 11.37 2.89
HC1' 6XM C . 2.43 9.61 2.96
C1 6XM B . 5.26 -2.84 1.12
C2 6XM B . 5.47 -2.22 -0.11
CA 6XM B . 4.96 -4.70 -3.56
CB 6XM B . 6.48 -4.65 -3.24
CC1 6XM B . 8.70 -5.56 -3.89
CD1 6XM B . 9.57 -4.29 -4.08
O1 6XM B . 9.45 -3.80 -5.45
CD2 6XM B . 8.08 -3.49 -5.83
CC2 6XM B . 7.17 -4.74 -5.66
N2 6XM B . 7.28 -5.33 -4.29
N1 6XM B . 4.08 -4.77 -2.37
C6 6XM B . 4.39 -4.08 -1.23
C7 6XM B . 4.16 -4.67 0.02
C3 6XM B . 5.01 -2.82 -1.26
C8 6XM B . 4.60 -4.06 1.19
O 6XM B . 4.38 -4.67 2.41
C8' 6XM B . 3.62 -5.83 2.48
C1' 6XM B . 3.32 -6.35 3.73
C2' 6XM B . 2.51 -7.48 3.82
C3' 6XM B . 2.01 -8.07 2.66
C6' 6XM B . 2.32 -7.55 1.39
C7' 6XM B . 3.14 -6.42 1.32
C11 6XM B . 3.44 -5.85 0.10
C10 6XM B . 2.88 -6.38 -1.06
C9 6XM B . 3.14 -5.76 -2.29
C4 6XM B . 2.44 -6.19 -3.42
C5 6XM B . 1.53 -7.23 -3.33
C4' 6XM B . 1.32 -7.88 -2.11
C9' 6XM B . 2.01 -7.48 -0.97
N1' 6XM B . 1.86 -8.15 0.24
CA' 6XM B . 1.42 -9.56 0.24
CB' 6XM B . -0.09 -9.74 0.45
N2' 6XM B . -0.44 -11.18 0.66
CC2' 6XM B . -0.17 -12.08 -0.50
CD2' 6XM B . -1.28 -12.00 -1.58
O1' 6XM B . -2.59 -12.23 -0.98
CD1' 6XM B . -2.89 -11.28 0.08
CC1' 6XM B . -1.82 -11.37 1.18
H1 6XM B . 5.60 -2.37 2.04
H2 6XM B . 6.01 -1.28 -0.16
HA1 6XM B . 4.68 -3.84 -4.17
HA2 6XM B . 4.80 -5.60 -4.16
HB2 6XM B . 6.65 -5.14 -2.29
HB1 6XM B . 6.81 -3.61 -3.14
HC2 6XM B . 9.12 -6.35 -4.51
HC1 6XM B . 8.75 -5.89 -2.85
HD2 6XM B . 10.62 -4.53 -3.89
HD1 6XM B . 9.24 -3.51 -3.40
HD3 6XM B . 7.71 -2.69 -5.19
HD4 6XM B . 8.06 -3.16 -6.86
HC3 6XM B . 6.14 -4.49 -5.90
HC4 6XM B . 7.51 -5.49 -6.39
H3 6XM B . 5.16 -2.33 -2.23
H1' 6XM B . 3.69 -5.87 4.62
H2' 6XM B . 2.26 -7.89 4.80
H3' 6XM B . 1.37 -8.94 2.78
H4 6XM B . 2.60 -5.70 -4.38
H5 6XM B . 0.98 -7.56 -4.22
H4' 6XM B . 0.61 -8.70 -2.10
HA2' 6XM B . 1.74 -10.03 -0.69
HA1' 6XM B . 1.95 -10.10 1.03
HB1' 6XM B . -0.39 -9.18 1.35
HB2' 6XM B . -0.65 -9.33 -0.39
HC3' 6XM B . 0.80 -11.87 -0.96
HC4' 6XM B . -0.14 -13.10 -0.14
HD3' 6XM B . -1.27 -11.02 -2.06
HD4' 6XM B . -1.11 -12.77 -2.35
HD2' 6XM B . -3.87 -11.51 0.49
HD1' 6XM B . -2.91 -10.26 -0.33
HC2' 6XM B . -1.89 -12.37 1.63
HC1' 6XM B . -2.02 -10.64 1.98
C1 6XM C . -5.56 2.79 4.32
C2 6XM C . -6.38 2.26 3.32
CA 6XM C . -7.01 4.66 -0.13
CB 6XM C . -7.05 3.69 -1.32
CC1 6XM C . -9.47 4.10 -1.84
CD1 6XM C . -10.09 2.68 -1.92
O1 6XM C . -9.91 2.14 -3.26
CD2 6XM C . -8.53 2.08 -3.69
CC2 6XM C . -7.91 3.50 -3.64
N2 6XM C . -8.06 4.14 -2.31
N1 6XM C . -5.72 4.65 0.59
C6 6XM C . -5.60 3.97 1.78
C7 6XM C . -4.74 4.45 2.77
C3 6XM C . -6.39 2.86 2.07
C8 6XM C . -4.74 3.87 4.03
O 6XM C . -3.94 4.40 5.03
C8' 6XM C . -3.13 5.47 4.78
C1' 6XM C . -2.39 6.02 5.81
C2' 6XM C . -1.61 7.15 5.58
C3' 6XM C . -1.54 7.69 4.30
C6' 6XM C . -2.25 7.13 3.24
C7' 6XM C . -3.09 6.03 3.51
C11 6XM C . -3.90 5.52 2.51
C10 6XM C . -3.88 6.09 1.25
C9 6XM C . -4.76 5.60 0.26
C4 6XM C . -4.71 6.15 -1.01
C5 6XM C . -3.86 7.21 -1.30
C4' 6XM C . -3.04 7.71 -0.31
C9' 6XM C . -3.01 7.16 0.97
N1' 6XM C . -2.15 7.62 1.95
CA' 6XM C . -1.03 8.52 1.59
CB' 6XM C . -1.39 10.00 1.69
N2' 6XM C . -0.18 10.86 1.57
CC2' 6XM C . -0.41 12.27 2.01
CD2' 6XM C . -1.09 13.11 0.90
O1' 6XM C . -0.31 13.03 -0.33
CD1' 6XM C . -0.15 11.68 -0.82
CC1' 6XM C . 0.54 10.79 0.26
H1 6XM C . -5.56 2.37 5.31
H2 6XM C . -7.02 1.41 3.54
HA1 6XM C . -7.20 5.68 -0.49
HA2 6XM C . -7.82 4.43 0.56
HB2 6XM C . -7.25 2.66 -0.99
HB1 6XM C . -6.06 3.68 -1.81
HC2 6XM C . -10.07 4.76 -2.48
HC1 6XM C . -9.56 4.48 -0.82
HD2 6XM C . -11.15 2.72 -1.70
HD1 6XM C . -9.59 2.02 -1.20
HD3 6XM C . -7.98 1.42 -3.03
HD4 6XM C . -8.49 1.69 -4.71
HC3 6XM C . -6.86 3.44 -3.92
HC4 6XM C . -8.43 4.11 -4.39
H3 6XM C . -7.06 2.44 1.32
H1' 6XM C . -2.46 5.59 6.80
H2' 6XM C . -1.04 7.59 6.41
H3' 6XM C . -0.94 8.58 4.18
H4 6XM C . -5.37 5.80 -1.81
H5 6XM C . -3.85 7.64 -2.30
H4' 6XM C . -2.40 8.56 -0.59
HA2' 6XM C . -0.18 8.33 2.24
HA1' 6XM C . -0.68 8.28 0.59
HB1' 6XM C . -2.13 10.28 0.93
HB2' 6XM C . -1.85 10.18 2.66
HC3' 6XM C . -1.01 12.29 2.92
HC4' 6XM C . 0.56 12.73 2.23
HD3' 6XM C . -2.09 12.74 0.71
HD4' 6XM C . -1.13 14.17 1.21
HD2' 6XM C . 0.47 11.69 -1.72
HD1' 6XM C . -1.13 11.26 -1.07
HC2' 6XM C . 1.55 11.17 0.40
HC1' 6XM C . 0.62 9.77 -0.10
C1 6XM B . 5.62 -2.79 1.26
C2 6XM B . 5.99 -2.06 0.13
CA 6XM B . 5.50 -3.99 -3.65
CB 6XM B . 6.93 -4.48 -3.32
CC1 6XM B . 8.25 -2.49 -4.11
CD1 6XM B . 9.42 -3.12 -4.89
O1 6XM B . 10.52 -3.45 -3.99
CD2 6XM B . 10.13 -4.36 -2.92
CC2 6XM B . 8.98 -3.74 -2.10
N2 6XM B . 7.83 -3.34 -2.96
N1 6XM B . 4.54 -4.16 -2.53
C6 6XM B . 4.83 -3.66 -1.29
C7 6XM B . 4.47 -4.37 -0.14
C3 6XM B . 5.56 -2.47 -1.13
C8 6XM B . 4.84 -3.93 1.12
O 6XM B . 4.46 -4.63 2.25
C8' 6XM B . 3.60 -5.71 2.14
C1' 6XM B . 3.11 -6.32 3.28
C2' 6XM B . 2.19 -7.36 3.16
C3' 6XM B . 1.79 -7.80 1.90
C6' 6XM B . 2.33 -7.23 0.74
C7' 6XM B . 3.22 -6.16 0.88
C11 6XM B . 3.67 -5.49 -0.25
C10 6XM B . 3.17 -5.84 -1.50
C9 6XM B . 3.53 -5.09 -2.63
C4 6XM B . 2.87 -5.34 -3.83
C5 6XM B . 1.87 -6.32 -3.90
C4' 6XM B . 1.56 -7.09 -2.79
C9' 6XM B . 2.24 -6.88 -1.58
N1' 6XM B . 2.04 -7.72 -0.50
CA' 6XM B . 1.94 -9.18 -0.69
CB' 6XM B . 2.73 -9.78 -1.88
N2' 6XM B . 3.37 -11.08 -1.53
CC2' 6XM B . 4.29 -11.58 -2.59
CD2' 6XM B . 3.54 -12.30 -3.74
O1' 6XM B . 2.71 -13.35 -3.19
CD1' 6XM B . 1.72 -12.86 -2.22
CC1' 6XM B . 2.44 -12.15 -1.05
H1 6XM B . 5.92 -2.45 2.24
H2 6XM B . 6.63 -1.18 0.23
HA1 6XM B . 5.50 -2.96 -3.97
HA2 6XM B . 5.18 -4.59 -4.50
HB2 6XM B . 7.35 -5.02 -4.18
HB1 6XM B . 6.86 -5.18 -2.49
HC2 6XM B . 8.58 -1.52 -3.71
HC1 6XM B . 7.42 -2.30 -4.78
HD2 6XM B . 9.79 -2.40 -5.64
HD1 6XM B . 9.09 -4.03 -5.40
HD3 6XM B . 9.80 -5.31 -3.36
HD4 6XM B . 10.99 -4.55 -2.28
HC3 6XM B . 8.66 -4.42 -1.31
HC4 6XM B . 9.36 -2.83 -1.61
H3 6XM B . 5.87 -1.91 -2.00
H1' 6XM B . 3.42 -5.97 4.25
H2' 6XM B . 1.78 -7.84 4.06
H3' 6XM B . 1.08 -8.61 1.82
H4 6XM B . 3.09 -4.76 -4.71
H5 6XM B . 1.34 -6.48 -4.85
H4' 6XM B . 0.80 -7.86 -2.86
HA2' 6XM B . 2.31 -9.67 0.22
HA1' 6XM B . 0.88 -9.44 -0.79
HB1' 6XM B . 2.05 -9.92 -2.73
HB2' 6XM B . 3.51 -9.08 -2.19
HC3' 6XM B . 4.88 -10.76 -3.01
HC4' 6XM B . 4.98 -12.30 -2.13
HD3' 6XM B . 2.91 -11.59 -4.27
HD4' 6XM B . 4.25 -12.74 -4.43
HD2' 6XM B . 1.15 -13.71 -1.84
HD1' 6XM B . 1.05 -12.17 -2.73
HC2' 6XM B . 3.03 -12.90 -0.52
HC1' 6XM B . 1.71 -11.76 -0.35
C1 6XM C . -6.06 2.67 4.37
C2 6XM C . -6.78 2.30 3.24
CA 6XM C . -6.52 4.86 -0.17
CB 6XM C . -6.48 3.92 -1.40
CC1 6XM C . -8.66 4.79 -2.28
CD1 6XM C . -9.53 3.52 -2.46
O1 6XM C . -9.27 2.91 -3.75
CD2 6XM C . -7.89 2.57 -3.98
CC2 6XM C . -7.00 3.84 -3.83
N2 6XM C . -7.21 4.52 -2.53
N1 6XM C . -5.40 4.69 0.78
C6 6XM C . -5.58 3.98 1.94
C7 6XM C . -4.88 4.34 3.10
C3 6XM C . -6.52 2.94 2.03
C8 6XM C . -5.12 3.68 4.30
O 6XM C . -4.44 4.05 5.44
C8' 6XM C . -3.51 5.06 5.39
C1' 6XM C . -2.83 5.41 6.55
C2' 6XM C . -1.88 6.42 6.51
C3' 6XM C . -1.64 7.09 5.32
C6' 6XM C . -2.33 6.77 4.15
C7' 6XM C . -3.26 5.73 4.20
C11 6XM C . -3.95 5.37 3.06
C10 6XM C . -3.66 5.97 1.85
C9 6XM C . -4.32 5.54 0.70
C4 6XM C . -3.92 6.07 -0.54
C5 6XM C . -2.91 7.03 -0.61
C4' 6XM C . -2.30 7.48 0.56
C9' 6XM C . -2.67 6.97 1.81
N1' 6XM C . -2.15 7.48 2.99
CA' 6XM C . -1.68 8.88 3.04
CB' 6XM C . -0.15 8.99 2.90
N2' 6XM C . 0.35 10.33 3.30
CC2' 6XM C . -0.06 11.45 2.39
CD2' 6XM C . 0.82 11.53 1.12
O1' 6XM C . 2.23 11.58 1.48
CD1' 6XM C . 2.65 10.44 2.28
CC1' 6XM C . 1.82 10.37 3.57
H1 6XM C . -6.25 2.17 5.33
H2 6XM C . -7.52 1.50 3.29
HA1 6XM C . -6.51 5.89 -0.53
HA2 6XM C . -7.47 4.74 0.36
HB2 6XM C . -6.89 2.93 -1.14
HB1 6XM C . -5.44 3.76 -1.69
HC2 6XM C . -9.00 5.53 -3.01
HC1 6XM C . -8.83 5.21 -1.29
HD2 6XM C . -10.59 3.77 -2.38
HD1 6XM C . -9.28 2.79 -1.67
HD3 6XM C . -7.58 1.81 -3.26
HD4 6XM C . -7.79 2.18 -4.99
HC3 6XM C . -5.95 3.57 -3.95
HC4 6XM C . -7.27 4.52 -4.64
H3 6XM C . -7.08 2.63 1.15
H1' 6XM C . -3.06 4.91 7.48
H2' 6XM C . -1.34 6.70 7.43
H3' 6XM C . -0.90 7.90 5.34
H4 6XM C . -4.41 5.76 -1.46
H5 6XM C . -2.62 7.45 -1.57
H4' 6XM C . -1.53 8.24 0.47
HA2' 6XM C . -2.16 9.47 2.25
HA1' 6XM C . -1.98 9.32 3.99
HB1' 6XM C . 0.31 8.26 3.57
HB2' 6XM C . 0.17 8.76 1.89
HC3' 6XM C . -1.11 11.36 2.11
HC4' 6XM C . 0.05 12.39 2.93
HD3' 6XM C . 0.65 10.65 0.49
HD4' 6XM C . 0.57 12.43 0.56
HD2' 6XM C . 3.72 10.55 2.53
HD1' 6XM C . 2.52 9.52 1.69
HC2' 6XM C . 2.04 11.25 4.18
HC1' 6XM C . 2.11 9.48 4.16
C1 6XM B . 5.95 -2.63 1.40
C2 6XM B . 6.51 -1.91 0.34
CA 6XM B . 6.31 -3.78 -3.47
CB 6XM B . 7.66 -4.26 -2.90
CC1 6XM B . 9.76 -5.47 -3.46
CD1 6XM B . 10.87 -4.56 -2.89
O1 6XM B . 11.25 -3.56 -3.88
CD2 6XM B . 10.15 -2.73 -4.31
CC2 6XM B . 9.02 -3.61 -4.91
N2 6XM B . 8.59 -4.69 -3.97
N1 6XM B . 5.19 -3.82 -2.51
C6 6XM B . 5.36 -3.35 -1.24
C7 6XM B . 4.78 -4.04 -0.16
C3 6XM B . 6.19 -2.27 -0.97
C8 6XM B . 5.09 -3.68 1.14
O 6XM B . 4.56 -4.41 2.19
C8' 6XM B . 3.62 -5.38 1.95
C1' 6XM B . 3.04 -6.05 3.03
C2' 6XM B . 2.03 -6.97 2.81
C3' 6XM B . 1.58 -7.22 1.51
C6' 6XM B . 2.19 -6.61 0.39
C7' 6XM B . 3.22 -5.68 0.64
C11 6XM B . 3.83 -5.03 -0.41
C10 6XM B . 3.45 -5.30 -1.71
C9 6XM B . 4.08 -4.61 -2.76
C4 6XM B . 3.64 -4.81 -4.06
C5 6XM B . 2.59 -5.69 -4.33
C4' 6XM B . 1.98 -6.38 -3.28
C9' 6XM B . 2.40 -6.20 -1.95
N1' 6XM B . 1.81 -6.90 -0.90
CA' 6XM B . 0.80 -7.93 -1.18
CB' 6XM B . -0.62 -7.34 -1.28
N2' 6XM B . -1.69 -8.36 -1.41
CC2' 6XM B . -1.60 -9.26 -2.61
CD2' 6XM B . -2.15 -8.58 -3.89
O1' 6XM B . -3.49 -8.08 -3.65
CD1' 6XM B . -3.56 -7.13 -2.55
CC1' 6XM B . -3.05 -7.80 -1.26
H1 6XM B . 6.17 -2.35 2.43
H2 6XM B . 7.18 -1.07 0.54
HA1 6XM B . 6.41 -2.77 -3.87
HA2 6XM B . 6.10 -4.44 -4.32
HB2 6XM B . 7.46 -5.12 -2.25
HB1 6XM B . 8.12 -3.48 -2.29
HC2 6XM B . 10.18 -6.04 -4.29
HC1 6XM B . 9.44 -6.19 -2.70
HD2 6XM B . 11.75 -5.16 -2.63
HD1 6XM B . 10.51 -4.05 -1.99
HD3 6XM B . 9.77 -2.16 -3.46
HD4 6XM B . 10.52 -2.04 -5.08
HC3 6XM B . 8.17 -2.98 -5.20
HC4 6XM B . 9.41 -4.07 -5.82
H3 6XM B . 6.63 -1.69 -1.79
H1' 6XM B . 3.37 -5.83 4.03
H2' 6XM B . 1.55 -7.47 3.65
H3' 6XM B . 0.74 -7.89 1.40
H4 6XM B . 4.08 -4.28 -4.90
H5 6XM B . 2.24 -5.85 -5.35
H4' 6XM B . 1.16 -7.03 -3.55
HA2' 6XM B . 1.07 -8.47 -2.10
HA1' 6XM B . 0.82 -8.72 -0.42
HB1' 6XM B . -0.80 -6.76 -0.38
HB2' 6XM B . -0.67 -6.65 -2.14
HC3' 6XM B . -0.57 -9.60 -2.78
HC4' 6XM B . -2.20 -10.14 -2.41
HD3' 6XM B . -1.50 -7.75 -4.18
HD4' 6XM B . -2.19 -9.31 -4.70
HD2' 6XM B . -4.60 -6.80 -2.43
HD1' 6XM B . -2.95 -6.26 -2.79
HC2' 6XM B . -3.75 -8.62 -1.01
HC1' 6XM B . -3.09 -7.08 -0.44
C1 6XM C . -6.25 2.79 4.41
C2 6XM C . -6.97 2.45 3.28
CA 6XM C . -6.46 4.89 -0.19
CB 6XM C . -6.40 3.92 -1.39
CC1 6XM C . -8.58 4.76 -2.32
CD1 6XM C . -9.43 3.47 -2.47
O1 6XM C . -9.17 2.84 -3.75
CD2 6XM C . -7.77 2.50 -3.95
CC2 6XM C . -6.89 3.77 -3.83
N2 6XM C . -7.12 4.49 -2.54
N1 6XM C . -5.39 4.72 0.80
C6 6XM C . -5.64 4.04 1.98
C7 6XM C . -4.95 4.36 3.15
C3 6XM C . -6.65 3.07 2.06
C8 6XM C . -5.25 3.73 4.35
O 6XM C . -4.55 4.07 5.50
C8' 6XM C . -3.57 5.03 5.45
C1' 6XM C . -2.89 5.36 6.62
C2' 6XM C . -1.89 6.32 6.60
C3' 6XM C . -1.60 6.97 5.40
C6' 6XM C . -2.29 6.68 4.22
C7' 6XM C . -3.27 5.68 4.27
C11 6XM C . -3.97 5.34 3.11
C10 6XM C . -3.62 5.92 1.91
C9 6XM C . -4.27 5.52 0.74
C4 6XM C . -3.82 6.03 -0.48
C5 6XM C . -2.79 6.96 -0.53
C4' 6XM C . -2.18 7.39 0.65
C9' 6XM C . -2.60 6.88 1.89
N1' 6XM C . -2.10 7.40 3.06
CA' 6XM C . -1.75 8.82 3.15
CB' 6XM C . -0.25 9.12 3.01
N2' 6XM C . 0.04 10.58 2.89
CC2' 6XM C . 1.46 10.86 2.55
CD2' 6XM C . 2.37 10.80 3.79
O1' 6XM C . 1.86 11.70 4.82
CD1' 6XM C . 0.51 11.37 5.24
CC1' 6XM C . -0.44 11.43 4.01
H1 6XM C . -6.48 2.32 5.37
H2 6XM C . -7.76 1.71 3.33
HA1 6XM C . -6.41 5.92 -0.57
HA2 6XM C . -7.44 4.82 0.31
HB2 6XM C . -6.81 2.94 -1.11
HB1 6XM C . -5.35 3.77 -1.66
HC2 6XM C . -8.91 5.48 -3.08
HC1 6XM C . -8.75 5.21 -1.34
HD2 6XM C . -10.49 3.73 -2.42
HD1 6XM C . -9.18 2.77 -1.67
HD3 6XM C . -7.47 1.75 -3.20
HD4 6XM C . -7.66 2.08 -4.95
HC3 6XM C . -5.83 3.50 -3.92
HC4 6XM C . -7.14 4.44 -4.66
H3 6XM C . -7.22 2.78 1.18
H1' 6XM C . -3.15 4.87 7.55
H2' 6XM C . -1.35 6.58 7.51
H3' 6XM C . -0.84 7.75 5.42
H4 6XM C . -4.30 5.74 -1.42
H5 6XM C . -2.46 7.36 -1.49
H4' 6XM C . -1.39 8.13 0.58
HA2' 6XM C . -2.29 9.38 2.37
HA1' 6XM C . -2.12 9.21 4.10
HB1' 6XM C . 0.30 8.70 3.85
HB2' 6XM C . 0.12 8.63 2.10
HC3' 6XM C . 1.82 10.16 1.79
HC4' 6XM C . 1.52 11.87 2.12
HD3' 6XM C . 2.42 9.78 4.19
HD4' 6XM C . 3.39 11.12 3.52
HD2' 6XM C . 0.19 12.11 5.98
HD1' 6XM C . 0.50 10.38 5.68
HC2' 6XM C . -0.47 12.47 3.66
HC1' 6XM C . -1.46 11.17 4.33
C1 6XM B . 5.92 -2.79 1.00
C2 6XM B . 6.34 -2.19 -0.18
CA 6XM B . 5.78 -4.41 -3.78
CB 6XM B . 7.21 -4.84 -3.42
CC1 6XM B . 9.30 -5.79 -4.37
CD1 6XM B . 10.42 -4.90 -3.77
O1 6XM B . 10.65 -3.74 -4.62
CD2 6XM B . 9.45 -2.93 -4.82
CC2 6XM B . 8.31 -3.79 -5.43
N2 6XM B . 8.05 -5.03 -4.63
N1 6XM B . 4.81 -4.46 -2.67
C6 6XM B . 5.12 -3.85 -1.46
C7 6XM B . 4.68 -4.42 -0.26
C3 6XM B . 5.93 -2.71 -1.40
C8 6XM B . 5.08 -3.89 0.96
O 6XM B . 4.64 -4.48 2.13
C8' 6XM B . 3.77 -5.54 2.10
C1' 6XM B . 3.32 -6.09 3.29
C2' 6XM B . 2.39 -7.13 3.28
C3' 6XM B . 1.92 -7.61 2.06
C6' 6XM B . 2.39 -7.08 0.84
C7' 6XM B . 3.32 -6.05 0.88
C11 6XM B . 3.79 -5.49 -0.30
C10 6XM B . 3.30 -5.95 -1.51
C9 6XM B . 3.75 -5.34 -2.69
C4 6XM B . 3.13 -5.68 -3.90
C5 6XM B . 2.09 -6.60 -3.92
C4' 6XM B . 1.69 -7.24 -2.75
C9' 6XM B . 2.32 -6.93 -1.53
N1' 6XM B . 1.97 -7.60 -0.37
CA' 6XM B . 1.41 -8.96 -0.44
CB' 6XM B . -0.12 -9.00 -0.26
N2' 6XM B . -0.55 -10.33 0.24
CC2' 6XM B . -0.29 -11.48 -0.68
CD2' 6XM B . -1.36 -11.60 -1.79
O1' 6XM B . -2.69 -11.64 -1.21
CD1' 6XM B . -2.99 -10.47 -0.40
CC1' 6XM B . -1.96 -10.35 0.75
H1 6XM B . 6.21 -2.38 1.96
H2 6XM B . 7.00 -1.33 -0.15
HA1 6XM B . 5.78 -3.39 -4.19
HA2 6XM B . 5.47 -5.07 -4.59
HB2 6XM B . 7.15 -5.79 -2.87
HB1 6XM B . 7.68 -4.12 -2.75
HC2 6XM B . 9.67 -6.20 -5.33
HC1 6XM B . 9.10 -6.64 -3.71
HD2 6XM B . 11.35 -5.47 -3.70
HD1 6XM B . 10.12 -4.56 -2.77
HD3 6XM B . 9.14 -2.53 -3.85
HD4 6XM B . 9.69 -2.11 -5.48
HC3 6XM B . 7.41 -3.18 -5.53
HC4 6XM B . 8.63 -4.08 -6.43
H3 6XM B . 6.27 -2.22 -2.32
H1' 6XM B . 3.66 -5.68 4.23
H2' 6XM B . 2.03 -7.56 4.21
H3' 6XM B . 1.19 -8.41 2.08
H4 6XM B . 3.41 -5.20 -4.84
H5 6XM B . 1.59 -6.84 -4.86
H4' 6XM B . 0.90 -7.97 -2.81
HA2' 6XM B . 1.68 -9.44 -1.38
HA1' 6XM B . 1.86 -9.57 0.35
HB1' 6XM B . -0.41 -8.24 0.47
HB2' 6XM B . -0.63 -8.76 -1.21
HC3' 6XM B . 0.71 -11.41 -1.12
HC4' 6XM B . -0.32 -12.40 -0.09
HD3' 6XM B . -1.28 -10.74 -2.47
HD4' 6XM B . -1.20 -12.52 -2.36
HD2' 6XM B . -3.99 -10.59 0.02
HD1' 6XM B . -2.96 -9.58 -1.03
HC2' 6XM B . -2.08 -11.22 1.40
HC1' 6XM B . -2.16 -9.46 1.34
C1 6XM C . -5.47 2.96 4.59
C2 6XM C . -6.28 2.58 3.53
CA 6XM C . -6.23 5.12 0.11
CB 6XM C . -6.43 4.16 -1.08
CC1 6XM C . -8.81 5.03 -1.40
CD1 6XM C . -9.69 3.80 -1.09
O1 6XM C . -9.84 2.98 -2.28
CD2 6XM C . -8.57 2.53 -2.84
CC2 6XM C . -7.70 3.76 -3.18
N2 6XM C . -7.49 4.64 -2.00
N1 6XM C . -5.02 4.87 0.92
C6 6XM C . -5.12 4.18 2.10
C7 6XM C . -4.33 4.53 3.18
C3 6XM C . -6.10 3.19 2.28
C8 6XM C . -4.49 3.92 4.42
O 6XM C . -3.71 4.29 5.49
C8' 6XM C . -2.75 5.26 5.34
C1' 6XM C . -1.97 5.62 6.43
C2' 6XM C . -1.01 6.62 6.29
C3' 6XM C . -0.82 7.24 5.07
C6' 6XM C . -1.61 6.89 3.96
C7' 6XM C . -2.57 5.89 4.11
C11 6XM C . -3.36 5.51 3.04
C10 6XM C . -3.14 6.09 1.80
C9 6XM C . -3.92 5.66 0.71
C4 6XM C . -3.62 6.17 -0.56
C5 6XM C . -2.60 7.10 -0.72
C4' 6XM C . -1.87 7.54 0.38
C9' 6XM C . -2.14 7.06 1.65
N1' 6XM C . -1.51 7.58 2.76
CA' 6XM C . -1.08 8.99 2.76
CB' 6XM C . 0.44 9.16 2.45
N2' 6XM C . 0.87 10.57 2.58
CC2' 6XM C . 0.29 11.52 1.58
CD2' 6XM C . 1.03 11.45 0.21
O1' 6XM C . 2.45 11.63 0.40
CD1' 6XM C . 3.04 10.65 1.29
CC1' 6XM C . 2.35 10.72 2.68
H1 6XM C . -5.64 2.52 5.57
H2 6XM C . -7.07 1.83 3.66
HA1 6XM C . -6.20 6.15 -0.27
HA2 6XM C . -7.10 5.07 0.78
HB2 6XM C . -6.67 3.16 -0.72
HB1 6XM C . -5.50 4.08 -1.64
HC2 6XM C . -9.33 5.65 -2.12
HC1 6XM C . -8.68 5.63 -0.50
HD2 6XM C . -10.69 4.13 -0.77
HD1 6XM C . -9.24 3.20 -0.30
HD3 6XM C . -8.07 1.90 -2.10
HD4 6XM C . -8.78 1.94 -3.73
HC3 6XM C . -6.72 3.44 -3.56
HC4 6XM C . -8.19 4.33 -3.97
H3 6XM C . -6.75 2.88 1.47
H1' 6XM C . -2.14 5.15 7.39
H2' 6XM C . -0.40 6.91 7.17
H3' 6XM C . -0.07 8.03 5.00
H4 6XM C . -4.19 5.86 -1.43
H5 6XM C . -2.39 7.50 -1.72
H4' 6XM C . -1.09 8.28 0.20
HA2' 6XM C . -1.68 9.55 2.04
HA1' 6XM C . -1.29 9.45 3.73
HB1' 6XM C . 0.99 8.56 3.16
HB2' 6XM C . 0.66 8.79 1.45
HC3' 6XM C . -0.78 11.34 1.43
HC4' 6XM C . 0.40 12.54 1.96
HD3' 6XM C . 0.84 10.49 -0.27
HD4' 6XM C . 0.66 12.25 -0.44
HD2' 6XM C . 4.11 10.85 1.41
HD1' 6XM C . 2.92 9.65 0.86
HC2' 6XM C . 2.58 11.69 3.12
HC1' 6XM C . 2.76 9.96 3.33
#